data_1D4R
#
_entry.id   1D4R
#
_cell.length_a   42.980
_cell.length_b   42.980
_cell.length_c   231.420
_cell.angle_alpha   90.00
_cell.angle_beta   90.00
_cell.angle_gamma   120.00
#
_symmetry.space_group_name_H-M   'P 31 2 1'
#
loop_
_entity.id
_entity.type
_entity.pdbx_description
1 polymer '29-MER OF MODIFIED SRP RNA HELIX 6'
2 polymer '29-MER OF MODIFIED SRP RNA HELIX 6'
3 non-polymer 'MAGNESIUM ION'
4 water water
#
loop_
_entity_poly.entity_id
_entity_poly.type
_entity_poly.pdbx_seq_one_letter_code
_entity_poly.pdbx_strand_id
1 'polyribonucleotide' (GDP)GUGACCUCCCGGGAGCGGGGGACCACU(A23) A
2 'polyribonucleotide' (GDP)GUGACCUCCCGGGAGCGGGGGACCACUA B,C
#